data_5QHY
#
_entry.id   5QHY
#
_cell.length_a   34.341
_cell.length_b   41.653
_cell.length_c   111.018
_cell.angle_alpha   90.000
_cell.angle_beta   90.000
_cell.angle_gamma   90.000
#
_symmetry.space_group_name_H-M   'P 21 21 21'
#
loop_
_entity.id
_entity.type
_entity.pdbx_description
1 polymer 'Poly [ADP-ribose] polymerase 14'
2 non-polymer 'CHLORIDE ION'
3 non-polymer 'DIMETHYL SULFOXIDE'
4 non-polymer ~{N}-(4-hydroxyphenyl)-2-methoxy-ethanamide
5 water water
#
_entity_poly.entity_id   1
_entity_poly.type   'polypeptide(L)'
_entity_poly.pdbx_seq_one_letter_code
;SMFYGTVSSPDSGVYEMKIGSIIFQVASGDITKEEADVIVNSTSNSFNLKAGVSKAILECAGQNVERECSQQAQQRKNDY
IITGGGFLRCKNIIHVIGGNDVKSSVSSVLQECEKKNYSSICLPAIGTGNAKQHPDKVAEAIIDAIEDFVQKGSAQSVKK
VKVVIFLPQVLDVFYANMKKREG
;
_entity_poly.pdbx_strand_id   A
#
# COMPACT_ATOMS: atom_id res chain seq x y z
N MET A 2 -16.41 2.79 -16.25
CA MET A 2 -17.26 3.70 -15.41
C MET A 2 -16.57 4.60 -14.36
N PHE A 3 -15.24 4.48 -14.17
CA PHE A 3 -14.52 5.11 -13.03
C PHE A 3 -13.21 5.87 -13.32
N TYR A 4 -12.50 5.49 -14.40
CA TYR A 4 -11.10 5.92 -14.62
C TYR A 4 -10.97 7.26 -15.36
N GLY A 5 -10.13 8.14 -14.82
CA GLY A 5 -9.71 9.36 -15.47
C GLY A 5 -8.51 9.17 -16.41
N THR A 6 -7.77 10.25 -16.59
CA THR A 6 -6.65 10.33 -17.52
C THR A 6 -5.30 10.25 -16.76
N VAL A 7 -4.33 9.51 -17.32
CA VAL A 7 -2.99 9.42 -16.72
C VAL A 7 -2.18 10.68 -17.06
N SER A 8 -1.61 11.35 -16.06
CA SER A 8 -0.72 12.51 -16.25
C SER A 8 0.44 12.46 -15.24
N SER A 9 1.37 13.39 -15.37
CA SER A 9 2.50 13.49 -14.45
C SER A 9 2.54 14.88 -13.76
N PRO A 10 2.10 14.96 -12.47
CA PRO A 10 2.01 16.26 -11.80
C PRO A 10 3.36 16.77 -11.29
N ASP A 11 4.33 15.86 -11.17
CA ASP A 11 5.68 16.16 -10.66
C ASP A 11 6.65 15.18 -11.33
N SER A 12 7.95 15.50 -11.42
CA SER A 12 8.87 14.63 -12.16
C SER A 12 8.90 13.22 -11.49
N GLY A 13 8.75 12.18 -12.29
CA GLY A 13 8.72 10.81 -11.76
C GLY A 13 7.44 10.36 -11.04
N VAL A 14 6.40 11.22 -10.97
CA VAL A 14 5.14 10.86 -10.32
C VAL A 14 4.07 10.78 -11.44
N TYR A 15 3.27 9.70 -11.44
CA TYR A 15 2.16 9.51 -12.39
C TYR A 15 0.87 9.32 -11.61
N GLU A 16 -0.22 9.89 -12.10
CA GLU A 16 -1.48 9.88 -11.38
C GLU A 16 -2.68 9.71 -12.30
N MET A 17 -3.78 9.14 -11.77
CA MET A 17 -5.07 9.13 -12.43
C MET A 17 -6.18 9.05 -11.37
N LYS A 18 -7.33 9.62 -11.69
CA LYS A 18 -8.50 9.43 -10.83
C LYS A 18 -9.11 8.04 -11.01
N ILE A 19 -9.54 7.45 -9.89
CA ILE A 19 -10.39 6.25 -9.87
C ILE A 19 -11.60 6.63 -9.01
N GLY A 20 -12.72 6.96 -9.67
CA GLY A 20 -13.84 7.57 -8.93
C GLY A 20 -13.38 8.84 -8.24
N SER A 21 -13.65 8.94 -6.94
CA SER A 21 -13.26 10.10 -6.14
C SER A 21 -11.81 10.07 -5.59
N ILE A 22 -11.09 8.98 -5.83
CA ILE A 22 -9.74 8.79 -5.28
C ILE A 22 -8.67 9.18 -6.33
N ILE A 23 -7.66 9.93 -5.89
N ILE A 23 -7.64 9.92 -5.91
CA ILE A 23 -6.45 10.17 -6.71
CA ILE A 23 -6.47 10.13 -6.78
C ILE A 23 -5.48 8.99 -6.46
C ILE A 23 -5.41 9.05 -6.49
N PHE A 24 -5.14 8.23 -7.52
CA PHE A 24 -4.19 7.11 -7.45
C PHE A 24 -2.86 7.57 -8.07
N GLN A 25 -1.75 7.44 -7.32
CA GLN A 25 -0.44 7.89 -7.76
C GLN A 25 0.59 6.76 -7.60
N VAL A 26 1.59 6.76 -8.48
CA VAL A 26 2.77 5.90 -8.37
C VAL A 26 4.05 6.74 -8.55
N ALA A 27 5.12 6.31 -7.87
CA ALA A 27 6.44 6.95 -7.94
C ALA A 27 7.50 5.93 -7.46
N SER A 28 8.75 6.11 -7.86
N SER A 28 8.75 6.11 -7.88
N SER A 28 8.76 6.09 -7.87
CA SER A 28 9.85 5.29 -7.33
CA SER A 28 9.87 5.32 -7.35
CA SER A 28 9.82 5.25 -7.29
C SER A 28 10.58 6.05 -6.24
C SER A 28 10.45 6.07 -6.16
C SER A 28 10.46 6.04 -6.18
N GLY A 29 11.06 5.33 -5.23
CA GLY A 29 11.79 5.95 -4.10
C GLY A 29 11.75 5.14 -2.80
N ASP A 30 12.14 5.81 -1.73
CA ASP A 30 12.19 5.25 -0.38
C ASP A 30 10.89 5.59 0.40
N ILE A 31 10.03 4.58 0.58
CA ILE A 31 8.75 4.77 1.30
C ILE A 31 8.87 5.32 2.74
N THR A 32 10.00 5.10 3.42
CA THR A 32 10.15 5.54 4.80
C THR A 32 10.29 7.05 4.94
N LYS A 33 10.45 7.75 3.82
CA LYS A 33 10.52 9.23 3.82
C LYS A 33 9.15 9.88 3.52
N GLU A 34 8.12 9.08 3.24
CA GLU A 34 6.77 9.57 2.95
C GLU A 34 6.00 9.97 4.22
N GLU A 35 5.09 10.93 4.02
CA GLU A 35 4.07 11.29 5.01
C GLU A 35 2.66 10.91 4.51
N ALA A 36 1.89 10.20 5.33
CA ALA A 36 0.52 9.79 5.00
C ALA A 36 -0.19 9.40 6.29
N ASP A 37 -1.52 9.36 6.29
CA ASP A 37 -2.22 8.86 7.50
C ASP A 37 -1.81 7.41 7.83
N VAL A 38 -1.76 6.55 6.79
CA VAL A 38 -1.29 5.17 6.94
C VAL A 38 -0.15 4.88 5.94
N ILE A 39 0.90 4.22 6.46
CA ILE A 39 1.93 3.55 5.62
C ILE A 39 1.74 2.04 5.79
N VAL A 40 1.81 1.33 4.66
CA VAL A 40 1.69 -0.14 4.66
C VAL A 40 3.08 -0.82 4.62
N ASN A 41 3.25 -1.85 5.47
CA ASN A 41 4.45 -2.71 5.46
C ASN A 41 4.05 -4.04 4.88
N SER A 42 4.91 -4.61 3.97
CA SER A 42 4.72 -5.96 3.39
C SER A 42 5.68 -6.92 4.09
N THR A 43 5.15 -7.82 4.93
CA THR A 43 6.00 -8.61 5.86
C THR A 43 5.60 -10.10 5.76
N SER A 44 6.15 -10.89 6.66
CA SER A 44 5.86 -12.33 6.74
C SER A 44 4.66 -12.62 7.65
N ASN A 45 4.22 -13.89 7.68
CA ASN A 45 3.08 -14.25 8.55
C ASN A 45 3.42 -14.20 10.07
N SER A 46 4.70 -14.00 10.42
CA SER A 46 5.15 -13.74 11.79
C SER A 46 5.33 -12.28 12.20
N PHE A 47 5.13 -11.38 11.23
CA PHE A 47 5.22 -9.95 11.42
C PHE A 47 6.57 -9.48 11.96
N ASN A 48 7.64 -10.19 11.56
CA ASN A 48 9.00 -9.87 12.03
C ASN A 48 10.07 -10.03 10.93
N LEU A 49 9.64 -9.99 9.67
CA LEU A 49 10.58 -9.92 8.56
C LEU A 49 11.37 -8.60 8.69
N LYS A 50 12.67 -8.67 8.41
CA LYS A 50 13.51 -7.50 8.37
C LYS A 50 14.45 -7.63 7.16
N ALA A 51 13.85 -7.64 5.96
CA ALA A 51 14.55 -7.83 4.67
C ALA A 51 13.79 -7.00 3.62
N GLY A 52 14.51 -6.27 2.78
CA GLY A 52 13.88 -5.41 1.76
C GLY A 52 13.12 -4.27 2.42
N VAL A 53 11.92 -3.97 1.92
N VAL A 53 11.94 -3.96 1.92
CA VAL A 53 11.11 -2.86 2.45
CA VAL A 53 11.22 -2.81 2.43
C VAL A 53 10.85 -2.97 3.95
C VAL A 53 10.85 -2.97 3.94
N SER A 54 10.60 -4.20 4.42
CA SER A 54 10.36 -4.44 5.84
C SER A 54 11.52 -4.05 6.74
N LYS A 55 12.76 -4.29 6.28
CA LYS A 55 13.95 -3.86 7.01
C LYS A 55 13.94 -2.34 7.19
N ALA A 56 13.71 -1.61 6.09
CA ALA A 56 13.70 -0.14 6.10
C ALA A 56 12.59 0.42 7.03
N ILE A 57 11.41 -0.15 6.90
CA ILE A 57 10.27 0.25 7.74
C ILE A 57 10.49 -0.05 9.24
N LEU A 58 10.87 -1.28 9.61
CA LEU A 58 11.07 -1.60 11.05
C LEU A 58 12.24 -0.82 11.70
N GLU A 59 13.33 -0.62 10.97
CA GLU A 59 14.48 0.19 11.45
C GLU A 59 14.10 1.69 11.71
N CYS A 60 13.35 2.28 10.75
CA CYS A 60 12.95 3.68 10.89
C CYS A 60 11.84 3.84 11.93
N ALA A 61 10.87 2.90 11.97
CA ALA A 61 9.76 2.97 12.94
C ALA A 61 10.22 2.82 14.41
N GLY A 62 11.13 1.88 14.65
CA GLY A 62 11.78 1.70 15.96
C GLY A 62 11.33 0.49 16.76
N GLN A 63 12.01 0.28 17.89
CA GLN A 63 11.80 -0.92 18.68
C GLN A 63 10.42 -1.04 19.35
N ASN A 64 9.78 0.08 19.71
CA ASN A 64 8.43 0.02 20.30
C ASN A 64 7.43 -0.58 19.28
N VAL A 65 7.57 -0.23 18.01
CA VAL A 65 6.73 -0.84 16.95
C VAL A 65 7.03 -2.33 16.75
N GLU A 66 8.32 -2.71 16.79
CA GLU A 66 8.68 -4.14 16.72
C GLU A 66 8.05 -4.92 17.85
N ARG A 67 8.09 -4.37 19.07
CA ARG A 67 7.43 -5.01 20.21
C ARG A 67 5.89 -5.08 20.08
N GLU A 68 5.26 -4.03 19.56
CA GLU A 68 3.79 -4.06 19.25
C GLU A 68 3.46 -5.22 18.29
N CYS A 69 4.28 -5.38 17.23
CA CYS A 69 4.09 -6.50 16.27
C CYS A 69 4.13 -7.93 16.90
N SER A 70 5.16 -8.22 17.68
N SER A 70 5.17 -8.21 17.69
CA SER A 70 5.34 -9.59 18.21
CA SER A 70 5.36 -9.55 18.23
C SER A 70 4.31 -9.90 19.30
C SER A 70 4.32 -9.90 19.30
N GLN A 71 3.91 -8.88 20.06
CA GLN A 71 2.84 -8.98 21.08
C GLN A 71 1.50 -9.32 20.45
N GLN A 72 1.08 -8.59 19.40
CA GLN A 72 -0.17 -8.95 18.73
C GLN A 72 -0.10 -10.31 18.05
N ALA A 73 1.08 -10.65 17.48
CA ALA A 73 1.31 -11.93 16.78
C ALA A 73 1.08 -13.14 17.71
N GLN A 74 1.51 -12.99 18.96
CA GLN A 74 1.35 -14.04 19.98
C GLN A 74 -0.02 -14.07 20.69
N GLN A 75 -0.95 -13.18 20.30
CA GLN A 75 -2.30 -13.10 20.88
C GLN A 75 -3.39 -13.82 20.07
N ARG A 76 -3.30 -13.80 18.74
CA ARG A 76 -4.29 -14.46 17.88
C ARG A 76 -3.70 -14.72 16.51
N LYS A 77 -4.45 -15.45 15.66
CA LYS A 77 -4.06 -15.68 14.26
C LYS A 77 -4.51 -14.46 13.40
N ASN A 78 -3.59 -13.57 13.05
CA ASN A 78 -3.94 -12.32 12.30
C ASN A 78 -3.65 -12.44 10.78
N ASP A 79 -4.56 -11.96 9.93
CA ASP A 79 -4.28 -11.75 8.50
C ASP A 79 -3.45 -10.47 8.26
N TYR A 80 -3.53 -9.52 9.20
CA TYR A 80 -2.77 -8.25 9.17
C TYR A 80 -2.84 -7.64 10.57
N ILE A 81 -1.92 -6.74 10.90
N ILE A 81 -1.90 -6.72 10.87
CA ILE A 81 -1.98 -6.04 12.18
CA ILE A 81 -1.78 -6.05 12.19
C ILE A 81 -1.77 -4.52 12.00
C ILE A 81 -1.73 -4.51 12.01
N ILE A 82 -2.41 -3.77 12.89
CA ILE A 82 -2.32 -2.31 12.95
C ILE A 82 -1.49 -1.90 14.19
N THR A 83 -0.45 -1.10 13.96
CA THR A 83 0.38 -0.54 15.02
C THR A 83 0.47 0.96 14.90
N GLY A 84 1.02 1.56 15.92
CA GLY A 84 1.51 2.91 15.86
C GLY A 84 2.53 3.16 14.72
N GLY A 85 2.79 4.44 14.41
CA GLY A 85 3.75 4.85 13.41
C GLY A 85 5.22 4.93 13.86
N GLY A 86 5.43 4.93 15.18
CA GLY A 86 6.75 5.14 15.71
C GLY A 86 7.38 6.41 15.17
N PHE A 87 8.61 6.30 14.69
CA PHE A 87 9.29 7.44 14.04
C PHE A 87 9.09 7.62 12.52
N LEU A 88 8.15 6.88 11.97
CA LEU A 88 7.66 7.19 10.61
C LEU A 88 6.65 8.34 10.69
N ARG A 89 6.49 9.03 9.56
CA ARG A 89 5.55 10.16 9.46
C ARG A 89 4.18 9.69 9.05
N CYS A 90 3.55 8.96 9.96
CA CYS A 90 2.22 8.49 9.75
C CYS A 90 1.51 8.37 11.11
N LYS A 91 0.18 8.17 11.07
CA LYS A 91 -0.62 7.91 12.29
C LYS A 91 -0.68 6.42 12.67
N ASN A 92 -0.67 5.54 11.67
CA ASN A 92 -0.59 4.11 11.93
C ASN A 92 0.17 3.41 10.79
N ILE A 93 0.82 2.29 11.12
CA ILE A 93 1.33 1.33 10.11
C ILE A 93 0.37 0.15 10.07
N ILE A 94 -0.02 -0.27 8.86
CA ILE A 94 -0.75 -1.51 8.69
C ILE A 94 0.23 -2.52 8.03
N HIS A 95 0.49 -3.62 8.76
CA HIS A 95 1.45 -4.65 8.35
C HIS A 95 0.63 -5.80 7.73
N VAL A 96 0.78 -5.96 6.39
CA VAL A 96 0.10 -7.01 5.66
C VAL A 96 1.13 -8.13 5.29
N ILE A 97 0.62 -9.31 5.02
CA ILE A 97 1.44 -10.52 4.72
C ILE A 97 1.71 -10.52 3.20
N GLY A 98 2.97 -10.38 2.81
CA GLY A 98 3.32 -10.29 1.37
C GLY A 98 2.87 -11.46 0.51
N GLY A 99 2.84 -12.67 1.10
CA GLY A 99 2.38 -13.87 0.39
C GLY A 99 0.88 -14.04 0.19
N ASN A 100 0.09 -13.23 0.92
CA ASN A 100 -1.37 -13.33 0.84
C ASN A 100 -1.88 -12.72 -0.47
N ASP A 101 -3.14 -13.02 -0.77
CA ASP A 101 -3.86 -12.41 -1.91
C ASP A 101 -3.76 -10.88 -1.79
N VAL A 102 -3.18 -10.22 -2.79
CA VAL A 102 -2.90 -8.78 -2.73
C VAL A 102 -4.20 -7.96 -2.80
N LYS A 103 -5.16 -8.38 -3.60
CA LYS A 103 -6.47 -7.66 -3.69
C LYS A 103 -7.14 -7.65 -2.32
N SER A 104 -7.16 -8.82 -1.66
N SER A 104 -7.16 -8.80 -1.65
CA SER A 104 -7.74 -8.95 -0.30
CA SER A 104 -7.76 -8.89 -0.32
C SER A 104 -7.02 -8.01 0.69
C SER A 104 -7.03 -7.98 0.69
N SER A 105 -5.70 -8.01 0.66
CA SER A 105 -4.90 -7.17 1.58
C SER A 105 -5.21 -5.65 1.41
N VAL A 106 -5.22 -5.19 0.15
CA VAL A 106 -5.52 -3.79 -0.14
C VAL A 106 -6.98 -3.43 0.23
N SER A 107 -7.93 -4.34 -0.04
CA SER A 107 -9.34 -4.12 0.42
C SER A 107 -9.41 -3.88 1.93
N SER A 108 -8.67 -4.70 2.70
CA SER A 108 -8.65 -4.57 4.17
C SER A 108 -8.03 -3.23 4.60
N VAL A 109 -6.93 -2.80 4.01
CA VAL A 109 -6.31 -1.52 4.28
C VAL A 109 -7.30 -0.36 4.05
N LEU A 110 -8.01 -0.40 2.93
CA LEU A 110 -9.00 0.67 2.57
C LEU A 110 -10.11 0.74 3.64
N GLN A 111 -10.65 -0.43 4.00
CA GLN A 111 -11.71 -0.52 5.01
C GLN A 111 -11.28 0.02 6.38
N GLU A 112 -10.08 -0.35 6.82
CA GLU A 112 -9.52 0.13 8.08
C GLU A 112 -9.29 1.65 8.08
N CYS A 113 -8.89 2.21 6.95
CA CYS A 113 -8.70 3.64 6.80
C CYS A 113 -10.04 4.42 6.87
N GLU A 114 -11.11 3.89 6.25
CA GLU A 114 -12.44 4.49 6.40
C GLU A 114 -12.92 4.46 7.85
N LYS A 115 -12.68 3.36 8.57
CA LYS A 115 -13.06 3.25 9.98
C LYS A 115 -12.45 4.37 10.83
N LYS A 116 -11.24 4.80 10.49
CA LYS A 116 -10.51 5.85 11.21
C LYS A 116 -10.71 7.26 10.61
N ASN A 117 -11.53 7.37 9.57
CA ASN A 117 -11.76 8.64 8.85
C ASN A 117 -10.46 9.26 8.28
N TYR A 118 -9.54 8.37 7.85
CA TYR A 118 -8.28 8.80 7.22
C TYR A 118 -8.44 9.14 5.73
N SER A 119 -7.59 10.05 5.26
CA SER A 119 -7.65 10.54 3.86
C SER A 119 -6.54 10.04 2.94
N SER A 120 -5.35 9.72 3.49
CA SER A 120 -4.21 9.32 2.65
C SER A 120 -3.55 8.02 3.10
N ILE A 121 -3.10 7.28 2.08
CA ILE A 121 -2.44 5.94 2.22
C ILE A 121 -1.21 5.92 1.33
N CYS A 122 -0.11 5.36 1.83
N CYS A 122 -0.12 5.36 1.85
CA CYS A 122 1.06 5.06 1.00
CA CYS A 122 1.08 5.04 1.06
C CYS A 122 1.42 3.58 1.20
C CYS A 122 1.39 3.55 1.21
N LEU A 123 1.65 2.88 0.07
CA LEU A 123 1.98 1.43 0.12
C LEU A 123 3.15 1.10 -0.81
N PRO A 124 3.88 0.00 -0.53
CA PRO A 124 4.88 -0.50 -1.48
C PRO A 124 4.19 -1.41 -2.53
N ALA A 125 4.99 -1.97 -3.46
CA ALA A 125 4.49 -2.99 -4.41
C ALA A 125 4.42 -4.33 -3.63
N ILE A 126 3.36 -4.44 -2.83
CA ILE A 126 3.14 -5.55 -1.87
C ILE A 126 3.41 -6.90 -2.55
N GLY A 127 4.22 -7.74 -1.88
CA GLY A 127 4.49 -9.11 -2.31
C GLY A 127 5.56 -9.32 -3.39
N THR A 128 6.13 -8.22 -3.91
CA THR A 128 7.14 -8.37 -4.98
C THR A 128 8.57 -8.64 -4.48
N GLY A 129 8.78 -8.49 -3.17
CA GLY A 129 10.07 -8.74 -2.53
C GLY A 129 10.20 -10.17 -2.05
N ASN A 130 10.31 -10.37 -0.75
CA ASN A 130 10.51 -11.72 -0.16
C ASN A 130 9.49 -12.76 -0.68
N ALA A 131 8.24 -12.34 -0.89
CA ALA A 131 7.17 -13.27 -1.32
C ALA A 131 7.28 -13.68 -2.82
N LYS A 132 8.00 -12.90 -3.59
CA LYS A 132 8.28 -13.22 -5.00
C LYS A 132 6.98 -13.42 -5.84
N GLN A 133 5.96 -12.60 -5.56
CA GLN A 133 4.82 -12.48 -6.48
C GLN A 133 5.21 -11.65 -7.72
N HIS A 134 4.62 -11.94 -8.86
N HIS A 134 4.60 -11.94 -8.87
CA HIS A 134 5.02 -11.31 -10.11
CA HIS A 134 4.90 -11.28 -10.15
C HIS A 134 4.46 -9.86 -10.19
C HIS A 134 4.45 -9.81 -10.13
N PRO A 135 5.32 -8.86 -10.53
CA PRO A 135 4.92 -7.45 -10.56
C PRO A 135 3.64 -7.09 -11.35
N ASP A 136 3.37 -7.61 -12.56
N ASP A 136 3.46 -7.74 -12.51
CA ASP A 136 2.07 -7.21 -13.21
CA ASP A 136 2.25 -7.54 -13.31
C ASP A 136 0.85 -7.83 -12.50
C ASP A 136 0.94 -7.88 -12.57
N LYS A 137 0.97 -9.02 -11.89
CA LYS A 137 -0.16 -9.55 -11.11
C LYS A 137 -0.42 -8.66 -9.87
N VAL A 138 0.64 -8.17 -9.22
CA VAL A 138 0.54 -7.30 -8.05
C VAL A 138 -0.11 -5.96 -8.49
N ALA A 139 0.35 -5.34 -9.58
CA ALA A 139 -0.22 -4.06 -10.06
C ALA A 139 -1.70 -4.21 -10.38
N GLU A 140 -2.08 -5.31 -11.06
CA GLU A 140 -3.47 -5.59 -11.44
C GLU A 140 -4.37 -5.70 -10.19
N ALA A 141 -3.85 -6.39 -9.16
CA ALA A 141 -4.59 -6.62 -7.91
C ALA A 141 -4.80 -5.35 -7.08
N ILE A 142 -3.74 -4.54 -6.93
CA ILE A 142 -3.84 -3.26 -6.21
C ILE A 142 -4.90 -2.33 -6.85
N ILE A 143 -4.82 -2.17 -8.16
CA ILE A 143 -5.75 -1.26 -8.85
C ILE A 143 -7.17 -1.85 -8.85
N ASP A 144 -7.34 -3.17 -9.02
CA ASP A 144 -8.63 -3.84 -8.93
C ASP A 144 -9.29 -3.59 -7.54
N ALA A 145 -8.50 -3.67 -6.45
CA ALA A 145 -9.07 -3.45 -5.11
C ALA A 145 -9.66 -2.03 -5.01
N ILE A 146 -8.94 -1.03 -5.51
CA ILE A 146 -9.41 0.35 -5.45
C ILE A 146 -10.70 0.52 -6.29
N GLU A 147 -10.70 -0.02 -7.50
CA GLU A 147 -11.92 0.01 -8.33
C GLU A 147 -13.14 -0.58 -7.64
N ASP A 148 -12.96 -1.74 -6.99
N ASP A 148 -12.96 -1.73 -6.98
CA ASP A 148 -14.06 -2.41 -6.32
CA ASP A 148 -14.09 -2.40 -6.34
C ASP A 148 -14.60 -1.57 -5.14
C ASP A 148 -14.62 -1.58 -5.15
N PHE A 149 -13.67 -0.97 -4.40
N PHE A 149 -13.68 -0.97 -4.41
CA PHE A 149 -14.03 -0.13 -3.24
CA PHE A 149 -13.98 -0.13 -3.24
C PHE A 149 -14.89 1.05 -3.71
C PHE A 149 -14.84 1.08 -3.68
N VAL A 150 -14.45 1.71 -4.79
CA VAL A 150 -15.22 2.83 -5.38
C VAL A 150 -16.57 2.39 -5.93
N GLN A 151 -16.59 1.26 -6.65
CA GLN A 151 -17.82 0.73 -7.25
C GLN A 151 -18.93 0.47 -6.17
N LYS A 152 -18.49 0.00 -5.00
CA LYS A 152 -19.40 -0.32 -3.88
C LYS A 152 -19.85 0.93 -3.09
N GLY A 153 -19.35 2.12 -3.47
CA GLY A 153 -19.68 3.37 -2.80
C GLY A 153 -19.03 3.54 -1.44
N SER A 154 -17.93 2.83 -1.19
CA SER A 154 -17.28 2.80 0.14
C SER A 154 -16.31 3.98 0.41
N ALA A 155 -15.86 4.65 -0.66
CA ALA A 155 -14.88 5.75 -0.50
C ALA A 155 -15.63 6.99 -0.04
N GLN A 156 -15.32 7.45 1.14
CA GLN A 156 -15.91 8.65 1.76
C GLN A 156 -14.80 9.54 2.31
N SER A 157 -14.04 9.04 3.29
N SER A 157 -14.04 9.04 3.28
CA SER A 157 -12.88 9.76 3.82
CA SER A 157 -12.89 9.77 3.81
C SER A 157 -11.61 9.59 2.95
C SER A 157 -11.62 9.59 2.94
N VAL A 158 -11.41 8.40 2.34
CA VAL A 158 -10.15 8.13 1.58
C VAL A 158 -10.16 8.93 0.26
N LYS A 159 -9.13 9.77 0.10
CA LYS A 159 -8.96 10.65 -1.10
C LYS A 159 -7.71 10.42 -1.92
N LYS A 160 -6.67 9.81 -1.34
CA LYS A 160 -5.39 9.62 -2.06
C LYS A 160 -4.77 8.30 -1.66
N VAL A 161 -4.35 7.55 -2.70
CA VAL A 161 -3.65 6.29 -2.52
C VAL A 161 -2.41 6.31 -3.41
N LYS A 162 -1.22 6.26 -2.76
CA LYS A 162 0.06 6.36 -3.47
C LYS A 162 0.91 5.10 -3.29
N VAL A 163 1.41 4.53 -4.39
CA VAL A 163 2.36 3.40 -4.34
C VAL A 163 3.77 3.95 -4.55
N VAL A 164 4.64 3.80 -3.54
CA VAL A 164 6.06 4.20 -3.65
C VAL A 164 6.86 2.91 -3.79
N ILE A 165 7.57 2.79 -4.92
CA ILE A 165 8.10 1.52 -5.40
C ILE A 165 9.64 1.56 -5.41
N PHE A 166 10.27 0.55 -4.80
CA PHE A 166 11.73 0.53 -4.66
C PHE A 166 12.48 0.46 -6.00
N LEU A 167 12.05 -0.43 -6.89
CA LEU A 167 12.73 -0.61 -8.22
C LEU A 167 12.05 0.15 -9.34
N PRO A 168 12.80 1.05 -10.01
CA PRO A 168 12.21 1.70 -11.20
C PRO A 168 11.58 0.74 -12.24
N GLN A 169 12.16 -0.44 -12.46
CA GLN A 169 11.56 -1.44 -13.38
C GLN A 169 10.13 -1.90 -13.00
N VAL A 170 9.87 -1.94 -11.70
CA VAL A 170 8.51 -2.27 -11.22
C VAL A 170 7.53 -1.08 -11.41
N LEU A 171 8.01 0.13 -11.22
CA LEU A 171 7.23 1.34 -11.55
C LEU A 171 6.77 1.31 -13.00
N ASP A 172 7.64 0.89 -13.92
CA ASP A 172 7.27 0.87 -15.34
C ASP A 172 6.05 -0.07 -15.60
N VAL A 173 6.00 -1.20 -14.88
CA VAL A 173 4.90 -2.15 -14.95
C VAL A 173 3.57 -1.51 -14.43
N PHE A 174 3.64 -0.79 -13.31
CA PHE A 174 2.46 -0.06 -12.80
C PHE A 174 1.95 0.99 -13.79
N TYR A 175 2.85 1.78 -14.35
N TYR A 175 2.87 1.78 -14.34
CA TYR A 175 2.46 2.80 -15.34
CA TYR A 175 2.53 2.79 -15.37
C TYR A 175 1.74 2.17 -16.55
C TYR A 175 1.75 2.16 -16.54
N ALA A 176 2.28 1.05 -17.07
CA ALA A 176 1.60 0.36 -18.20
C ALA A 176 0.16 -0.11 -17.83
N ASN A 177 0.00 -0.56 -16.59
CA ASN A 177 -1.33 -1.02 -16.14
C ASN A 177 -2.31 0.19 -16.04
N MET A 178 -1.83 1.33 -15.54
CA MET A 178 -2.66 2.57 -15.51
C MET A 178 -3.08 2.98 -16.94
N LYS A 179 -2.15 2.94 -17.91
CA LYS A 179 -2.46 3.33 -19.30
C LYS A 179 -3.51 2.39 -19.94
N LYS A 180 -3.48 1.10 -19.59
CA LYS A 180 -4.42 0.11 -20.07
C LYS A 180 -5.84 0.52 -19.65
N ARG A 181 -5.98 1.01 -18.41
CA ARG A 181 -7.28 1.35 -17.84
C ARG A 181 -7.85 2.72 -18.17
N GLU A 182 -7.03 3.65 -18.64
CA GLU A 182 -7.42 5.07 -18.69
C GLU A 182 -8.61 5.35 -19.60
N GLY A 183 -9.41 6.37 -19.22
CA GLY A 183 -10.59 6.76 -19.97
C GLY A 183 -10.25 7.19 -21.39
#